data_7UUZ
#
_entry.id   7UUZ
#
_cell.length_a   1.00
_cell.length_b   1.00
_cell.length_c   1.00
_cell.angle_alpha   90.00
_cell.angle_beta   90.00
_cell.angle_gamma   90.00
#
_symmetry.space_group_name_H-M   'P 1'
#
loop_
_entity.id
_entity.type
_entity.pdbx_description
1 polymer 'Sodium/iodide cotransporter'
2 non-polymer 'SODIUM ION'
3 non-polymer PERRHENATE
4 non-polymer 1,2-DIACYL-GLYCEROL-3-SN-PHOSPHATE
#
_entity_poly.entity_id   1
_entity_poly.type   'polypeptide(L)'
_entity_poly.pdbx_seq_one_letter_code
;MYPYDVPDYAENLYFQSEGAEAGARATFGAWDYGVFATMLLVSTGIGLWVGLARGGQRSADDFFTGGRQLAAVPVGLSLA
ASFMSAVQVLGVPAEAARYGLKFLWMCAGQLLNSLLTAFLFLPIFYRLGLTSTYQYLELRFSRAVRLCGTLQYLVATMLY
TGIVIYAPALILNQVTGLDIWASLLSTGIICTLYTTVGGMKAVVWTDVFQVVVMLVGFWVILARGVILLGGPRNVLSLAQ
QHSRINLMDFDPDPRSRYTFWTFIVGGTLVWLSMYGVNQAQVQRYVACHTEGKAKLALLVNQLGLFLIVASAACCGIVMF
VYYKDCDPLLTGRISAPDQYMPLLVLDIFEDLPGVPGLFLACAYSGTLSTASTSINAMAAVTVEDLIKPRMPGLAPRKLV
FISKGLSFIYGSACLTVAALSSLLGGGVLQGSFTVMGVISGPLLGAFTLGMLLPACNTPGVLSGLAAGLAVSLWVAVGAT
LYPPGEQTMGVLPTSAAGCTQDSVLLGPPGATQASNGIPSSGMDTGRPALADTFYAISYLYYGALGTLTTMLCGALISYL
TGPTKRSSLGPGLLWWDLARQTASVAPKEDTATLEESLVKGPEDIPAVTKKPPGLKPGAETHPLYLGHDVETNLSGGGGA
LEVLFQGPHHHHHHHHMDEKTTGWRGGHVVEGLAGELEQLRARLEHHPQGQREP
;
_entity_poly.pdbx_strand_id   A
#
loop_
_chem_comp.id
_chem_comp.type
_chem_comp.name
_chem_comp.formula
3PH non-polymer 1,2-DIACYL-GLYCEROL-3-SN-PHOSPHATE 'C39 H77 O8 P'
NA non-polymer 'SODIUM ION' 'Na 1'
REO non-polymer PERRHENATE 'O4 Re -1'
#
# COMPACT_ATOMS: atom_id res chain seq x y z
N ALA A 26 13.35 2.93 -26.36
CA ALA A 26 14.15 2.19 -25.40
C ALA A 26 14.40 3.02 -24.15
N THR A 27 14.61 4.33 -24.34
CA THR A 27 14.83 5.24 -23.22
C THR A 27 14.28 6.61 -23.64
N PHE A 28 13.01 6.84 -23.31
CA PHE A 28 12.31 8.07 -23.69
C PHE A 28 12.70 8.53 -25.08
N GLY A 29 13.47 9.61 -25.18
CA GLY A 29 13.76 10.22 -26.46
C GLY A 29 14.08 11.70 -26.29
N ALA A 30 13.38 12.55 -27.04
CA ALA A 30 13.56 14.00 -26.96
C ALA A 30 12.30 14.72 -26.50
N TRP A 31 11.18 14.51 -27.21
CA TRP A 31 9.93 15.15 -26.83
C TRP A 31 9.46 14.69 -25.45
N ASP A 32 9.57 13.40 -25.17
CA ASP A 32 9.07 12.88 -23.90
C ASP A 32 9.97 13.28 -22.73
N TYR A 33 11.27 13.46 -22.97
CA TYR A 33 12.10 14.09 -21.94
C TYR A 33 11.57 15.46 -21.58
N GLY A 34 11.24 16.27 -22.58
CA GLY A 34 10.68 17.59 -22.31
C GLY A 34 9.35 17.49 -21.58
N VAL A 35 8.49 16.55 -21.98
CA VAL A 35 7.20 16.39 -21.32
C VAL A 35 7.39 16.02 -19.86
N PHE A 36 8.26 15.05 -19.60
CA PHE A 36 8.53 14.62 -18.22
C PHE A 36 9.05 15.79 -17.39
N ALA A 37 10.06 16.49 -17.90
CA ALA A 37 10.67 17.57 -17.13
C ALA A 37 9.66 18.68 -16.87
N THR A 38 8.91 19.09 -17.90
CA THR A 38 7.94 20.16 -17.74
C THR A 38 6.85 19.79 -16.75
N MET A 39 6.31 18.58 -16.87
CA MET A 39 5.24 18.17 -15.96
C MET A 39 5.75 18.09 -14.53
N LEU A 40 6.94 17.53 -14.32
CA LEU A 40 7.46 17.44 -12.96
C LEU A 40 7.74 18.81 -12.37
N LEU A 41 8.28 19.72 -13.18
CA LEU A 41 8.54 21.08 -12.70
C LEU A 41 7.22 21.78 -12.36
N VAL A 42 6.20 21.60 -13.18
CA VAL A 42 4.90 22.22 -12.89
C VAL A 42 4.31 21.64 -11.62
N SER A 43 4.44 20.33 -11.43
CA SER A 43 3.94 19.71 -10.20
C SER A 43 4.65 20.26 -8.98
N THR A 44 5.97 20.39 -9.06
CA THR A 44 6.73 20.95 -7.94
C THR A 44 6.31 22.40 -7.70
N GLY A 45 6.08 23.16 -8.77
CA GLY A 45 5.66 24.55 -8.61
C GLY A 45 4.31 24.68 -7.93
N ILE A 46 3.35 23.84 -8.32
CA ILE A 46 2.04 23.89 -7.68
C ILE A 46 2.16 23.42 -6.23
N GLY A 47 3.02 22.44 -5.96
CA GLY A 47 3.24 22.02 -4.58
C GLY A 47 3.78 23.14 -3.72
N LEU A 48 4.78 23.85 -4.24
CA LEU A 48 5.34 24.98 -3.49
C LEU A 48 4.32 26.10 -3.33
N TRP A 49 3.49 26.33 -4.35
CA TRP A 49 2.43 27.33 -4.23
C TRP A 49 1.47 26.96 -3.12
N VAL A 50 1.08 25.68 -3.05
CA VAL A 50 0.19 25.24 -1.98
C VAL A 50 0.86 25.38 -0.62
N GLY A 51 2.14 25.01 -0.54
CA GLY A 51 2.85 25.09 0.73
C GLY A 51 3.14 26.49 1.21
N LEU A 52 3.17 27.46 0.30
CA LEU A 52 3.39 28.86 0.66
C LEU A 52 2.09 29.65 0.71
N ALA A 53 1.34 29.65 -0.37
CA ALA A 53 0.07 30.37 -0.43
C ALA A 53 -1.05 29.56 0.20
N LEU A 70 -14.27 17.80 4.53
CA LEU A 70 -14.85 18.21 3.26
C LEU A 70 -15.96 17.24 2.85
N ALA A 71 -16.58 17.51 1.69
CA ALA A 71 -17.67 16.67 1.20
C ALA A 71 -17.27 15.22 1.13
N ALA A 72 -18.25 14.32 1.04
CA ALA A 72 -17.96 12.89 1.07
C ALA A 72 -17.12 12.46 -0.12
N VAL A 73 -17.40 13.00 -1.30
CA VAL A 73 -16.73 12.55 -2.52
C VAL A 73 -15.25 12.90 -2.49
N PRO A 74 -14.88 14.17 -2.31
CA PRO A 74 -13.44 14.49 -2.28
C PRO A 74 -12.68 13.76 -1.18
N VAL A 75 -13.26 13.66 0.02
CA VAL A 75 -12.55 12.99 1.10
C VAL A 75 -12.44 11.50 0.83
N GLY A 76 -13.45 10.90 0.20
CA GLY A 76 -13.35 9.49 -0.16
C GLY A 76 -12.29 9.24 -1.21
N LEU A 77 -12.18 10.13 -2.20
CA LEU A 77 -11.11 9.99 -3.17
C LEU A 77 -9.75 10.25 -2.53
N SER A 78 -9.70 11.09 -1.49
CA SER A 78 -8.48 11.21 -0.71
C SER A 78 -8.15 9.90 0.00
N LEU A 79 -9.16 9.24 0.56
CA LEU A 79 -8.96 7.93 1.16
C LEU A 79 -8.39 6.95 0.15
N ALA A 80 -8.92 6.97 -1.07
CA ALA A 80 -8.43 6.08 -2.11
C ALA A 80 -6.99 6.40 -2.48
N ALA A 81 -6.67 7.69 -2.64
CA ALA A 81 -5.35 8.08 -3.09
C ALA A 81 -4.27 7.85 -2.04
N SER A 82 -4.65 7.67 -0.77
CA SER A 82 -3.66 7.55 0.29
C SER A 82 -2.79 6.31 0.16
N PHE A 83 -3.22 5.32 -0.61
CA PHE A 83 -2.51 4.05 -0.69
C PHE A 83 -2.31 3.55 -2.11
N MET A 84 -2.62 4.36 -3.12
CA MET A 84 -2.43 3.99 -4.51
C MET A 84 -1.38 4.92 -5.12
N SER A 85 -0.31 4.34 -5.64
CA SER A 85 0.83 5.11 -6.13
C SER A 85 1.46 4.35 -7.28
N ALA A 86 2.69 4.73 -7.64
CA ALA A 86 3.42 4.03 -8.69
C ALA A 86 3.71 2.58 -8.32
N VAL A 87 3.65 2.24 -7.02
CA VAL A 87 3.75 0.84 -6.62
C VAL A 87 2.68 0.03 -7.32
N GLN A 88 1.44 0.53 -7.33
CA GLN A 88 0.32 -0.18 -7.95
C GLN A 88 0.34 -0.06 -9.47
N VAL A 89 0.94 0.99 -10.01
CA VAL A 89 1.14 1.07 -11.45
C VAL A 89 2.10 -0.01 -11.92
N LEU A 90 3.19 -0.22 -11.17
CA LEU A 90 4.19 -1.20 -11.57
C LEU A 90 3.74 -2.63 -11.29
N GLY A 91 3.09 -2.87 -10.15
CA GLY A 91 2.84 -4.22 -9.71
C GLY A 91 1.57 -4.87 -10.21
N VAL A 92 0.45 -4.16 -10.13
CA VAL A 92 -0.83 -4.77 -10.48
C VAL A 92 -0.84 -5.28 -11.92
N PRO A 93 -0.46 -4.50 -12.94
CA PRO A 93 -0.39 -5.07 -14.29
C PRO A 93 0.56 -6.23 -14.38
N ALA A 94 1.70 -6.18 -13.70
CA ALA A 94 2.66 -7.29 -13.75
C ALA A 94 2.09 -8.54 -13.10
N GLU A 95 1.45 -8.39 -11.93
CA GLU A 95 0.86 -9.55 -11.28
C GLU A 95 -0.27 -10.14 -12.11
N ALA A 96 -1.10 -9.29 -12.71
CA ALA A 96 -2.15 -9.80 -13.57
C ALA A 96 -1.57 -10.54 -14.78
N ALA A 97 -0.55 -9.97 -15.41
CA ALA A 97 0.06 -10.63 -16.55
C ALA A 97 0.66 -11.98 -16.17
N ARG A 98 1.34 -12.05 -15.03
CA ARG A 98 2.03 -13.27 -14.64
C ARG A 98 1.10 -14.32 -14.04
N TYR A 99 -0.08 -13.93 -13.56
CA TYR A 99 -1.03 -14.87 -12.98
C TYR A 99 -2.36 -14.90 -13.69
N GLY A 100 -2.90 -13.74 -14.04
CA GLY A 100 -3.99 -13.65 -15.00
C GLY A 100 -5.36 -13.49 -14.38
N LEU A 101 -5.80 -12.24 -14.25
CA LEU A 101 -7.19 -11.91 -13.96
C LEU A 101 -7.70 -12.54 -12.65
N LYS A 102 -6.84 -13.26 -11.93
CA LYS A 102 -7.16 -13.60 -10.55
C LYS A 102 -6.97 -12.41 -9.63
N PHE A 103 -6.16 -11.44 -10.04
CA PHE A 103 -5.91 -10.28 -9.21
C PHE A 103 -7.17 -9.44 -9.00
N LEU A 104 -8.20 -9.62 -9.83
CA LEU A 104 -9.44 -8.91 -9.61
C LEU A 104 -10.04 -9.24 -8.26
N TRP A 105 -9.75 -10.44 -7.73
CA TRP A 105 -10.24 -10.80 -6.40
C TRP A 105 -9.70 -9.85 -5.34
N MET A 106 -8.57 -9.19 -5.61
CA MET A 106 -8.10 -8.16 -4.69
C MET A 106 -9.21 -7.16 -4.39
N CYS A 107 -9.94 -6.75 -5.41
CA CYS A 107 -11.07 -5.84 -5.20
C CYS A 107 -11.99 -6.38 -4.12
N ALA A 108 -12.36 -7.66 -4.24
CA ALA A 108 -13.20 -8.27 -3.21
C ALA A 108 -12.61 -8.04 -1.83
N GLY A 109 -11.33 -8.37 -1.66
CA GLY A 109 -10.68 -8.10 -0.40
C GLY A 109 -10.89 -6.67 0.05
N GLN A 110 -10.55 -5.72 -0.82
CA GLN A 110 -10.75 -4.32 -0.49
C GLN A 110 -12.20 -4.08 -0.05
N LEU A 111 -13.16 -4.59 -0.84
CA LEU A 111 -14.56 -4.46 -0.45
C LEU A 111 -14.75 -4.85 1.00
N LEU A 112 -14.33 -6.07 1.35
CA LEU A 112 -14.52 -6.54 2.72
C LEU A 112 -13.96 -5.52 3.69
N ASN A 113 -12.71 -5.10 3.47
CA ASN A 113 -12.11 -4.09 4.31
C ASN A 113 -13.08 -2.95 4.58
N SER A 114 -13.50 -2.27 3.51
CA SER A 114 -14.37 -1.11 3.70
C SER A 114 -15.55 -1.49 4.58
N LEU A 115 -16.25 -2.56 4.21
CA LEU A 115 -17.43 -2.94 4.97
C LEU A 115 -17.10 -3.06 6.44
N LEU A 116 -16.08 -3.87 6.76
CA LEU A 116 -15.73 -4.07 8.16
C LEU A 116 -15.44 -2.73 8.82
N THR A 117 -14.63 -1.90 8.19
CA THR A 117 -14.38 -0.58 8.73
C THR A 117 -15.70 0.10 9.07
N ALA A 118 -16.54 0.29 8.05
CA ALA A 118 -17.75 1.09 8.24
C ALA A 118 -18.67 0.45 9.28
N PHE A 119 -18.48 -0.83 9.59
CA PHE A 119 -19.33 -1.52 10.55
C PHE A 119 -18.61 -1.98 11.80
N LEU A 120 -17.30 -1.80 11.89
CA LEU A 120 -16.58 -2.25 13.08
C LEU A 120 -15.72 -1.17 13.70
N PHE A 121 -15.08 -0.32 12.90
CA PHE A 121 -14.14 0.67 13.39
C PHE A 121 -14.61 2.10 13.22
N LEU A 122 -15.31 2.41 12.14
CA LEU A 122 -15.85 3.76 11.98
C LEU A 122 -16.82 4.14 13.10
N PRO A 123 -17.82 3.33 13.43
CA PRO A 123 -18.70 3.73 14.55
C PRO A 123 -17.96 3.96 15.86
N ILE A 124 -16.97 3.13 16.17
CA ILE A 124 -16.27 3.27 17.44
C ILE A 124 -15.25 4.41 17.41
N PHE A 125 -14.57 4.62 16.29
CA PHE A 125 -13.68 5.76 16.15
C PHE A 125 -14.43 7.05 15.82
N TYR A 126 -15.76 7.04 15.94
CA TYR A 126 -16.57 8.24 15.86
C TYR A 126 -17.21 8.61 17.19
N ARG A 127 -17.15 7.74 18.18
CA ARG A 127 -17.76 7.97 19.49
C ARG A 127 -16.78 7.79 20.63
N LEU A 128 -15.90 6.80 20.56
CA LEU A 128 -14.94 6.53 21.64
C LEU A 128 -13.55 7.08 21.33
N GLY A 129 -12.96 6.67 20.21
CA GLY A 129 -11.65 7.15 19.84
C GLY A 129 -11.71 8.32 18.88
N LEU A 130 -11.62 9.53 19.41
CA LEU A 130 -11.70 10.75 18.61
C LEU A 130 -10.33 11.40 18.52
N THR A 131 -10.21 12.36 17.60
CA THR A 131 -8.96 13.05 17.35
C THR A 131 -7.91 12.06 16.82
N SER A 132 -7.46 11.16 17.67
CA SER A 132 -6.47 10.15 17.30
C SER A 132 -7.12 8.78 17.23
N THR A 133 -6.38 7.82 16.67
CA THR A 133 -6.81 6.43 16.58
C THR A 133 -6.28 5.58 17.72
N TYR A 134 -5.04 5.82 18.14
CA TYR A 134 -4.43 5.05 19.22
C TYR A 134 -4.79 5.60 20.58
N GLN A 135 -5.52 6.71 20.65
CA GLN A 135 -6.12 7.12 21.92
C GLN A 135 -7.10 6.06 22.41
N TYR A 136 -7.68 5.30 21.48
CA TYR A 136 -8.49 4.16 21.90
C TYR A 136 -7.66 3.14 22.66
N LEU A 137 -6.45 2.87 22.18
CA LEU A 137 -5.56 1.98 22.91
C LEU A 137 -5.18 2.59 24.26
N GLU A 138 -5.08 3.92 24.32
CA GLU A 138 -4.88 4.60 25.60
C GLU A 138 -6.01 4.26 26.57
N LEU A 139 -7.23 4.66 26.24
CA LEU A 139 -8.35 4.54 27.16
C LEU A 139 -8.83 3.11 27.33
N ARG A 140 -8.40 2.18 26.49
CA ARG A 140 -8.82 0.79 26.60
C ARG A 140 -7.82 -0.03 27.43
N PHE A 141 -6.57 -0.11 26.96
CA PHE A 141 -5.55 -0.87 27.65
C PHE A 141 -4.68 0.00 28.57
N SER A 142 -3.94 0.93 28.00
CA SER A 142 -3.01 1.77 28.76
C SER A 142 -2.31 2.70 27.78
N ARG A 143 -1.54 3.64 28.34
CA ARG A 143 -0.69 4.47 27.50
C ARG A 143 0.49 3.69 26.94
N ALA A 144 0.91 2.62 27.60
CA ALA A 144 1.98 1.79 27.06
C ALA A 144 1.54 1.16 25.74
N VAL A 145 0.30 0.66 25.67
CA VAL A 145 -0.20 0.10 24.43
C VAL A 145 -0.35 1.19 23.38
N ARG A 146 -0.74 2.40 23.78
CA ARG A 146 -0.80 3.50 22.82
C ARG A 146 0.58 3.77 22.23
N LEU A 147 1.61 3.78 23.06
CA LEU A 147 2.96 3.99 22.56
C LEU A 147 3.38 2.85 21.64
N CYS A 148 3.07 1.61 22.01
CA CYS A 148 3.40 0.48 21.14
C CYS A 148 2.70 0.59 19.79
N GLY A 149 1.42 0.94 19.80
CA GLY A 149 0.70 1.10 18.54
C GLY A 149 1.24 2.23 17.71
N THR A 150 1.57 3.35 18.34
CA THR A 150 2.13 4.47 17.60
C THR A 150 3.48 4.10 16.99
N LEU A 151 4.31 3.38 17.74
CA LEU A 151 5.61 2.96 17.21
C LEU A 151 5.43 1.99 16.04
N GLN A 152 4.49 1.05 16.16
CA GLN A 152 4.22 0.14 15.04
C GLN A 152 3.76 0.91 13.83
N TYR A 153 2.87 1.89 14.01
CA TYR A 153 2.41 2.69 12.90
C TYR A 153 3.56 3.45 12.25
N LEU A 154 4.43 4.05 13.07
CA LEU A 154 5.55 4.80 12.52
C LEU A 154 6.48 3.90 11.73
N VAL A 155 6.78 2.71 12.25
CA VAL A 155 7.67 1.81 11.54
C VAL A 155 7.05 1.33 10.24
N ALA A 156 5.78 0.91 10.30
CA ALA A 156 5.11 0.43 9.09
C ALA A 156 5.01 1.52 8.05
N THR A 157 4.68 2.75 8.46
CA THR A 157 4.58 3.86 7.52
C THR A 157 5.94 4.22 6.95
N MET A 158 6.99 4.18 7.76
CA MET A 158 8.33 4.48 7.26
C MET A 158 8.74 3.48 6.19
N LEU A 159 8.56 2.19 6.46
CA LEU A 159 8.94 1.18 5.48
C LEU A 159 8.06 1.24 4.23
N TYR A 160 6.76 1.45 4.41
CA TYR A 160 5.86 1.56 3.27
C TYR A 160 6.22 2.77 2.41
N THR A 161 6.53 3.91 3.04
CA THR A 161 6.92 5.08 2.26
C THR A 161 8.31 4.91 1.64
N GLY A 162 9.16 4.07 2.24
CA GLY A 162 10.41 3.73 1.57
C GLY A 162 10.17 2.98 0.28
N ILE A 163 9.29 1.98 0.32
CA ILE A 163 8.92 1.27 -0.90
C ILE A 163 8.27 2.23 -1.89
N VAL A 164 7.44 3.15 -1.39
CA VAL A 164 6.74 4.09 -2.24
C VAL A 164 7.73 5.01 -2.95
N ILE A 165 8.75 5.48 -2.23
CA ILE A 165 9.76 6.33 -2.84
C ILE A 165 10.61 5.53 -3.82
N TYR A 166 10.87 4.25 -3.51
CA TYR A 166 11.65 3.43 -4.43
C TYR A 166 10.91 3.21 -5.75
N ALA A 167 9.59 3.14 -5.72
CA ALA A 167 8.84 2.88 -6.95
C ALA A 167 9.12 3.92 -8.03
N PRO A 168 8.99 5.23 -7.80
CA PRO A 168 9.39 6.19 -8.83
C PRO A 168 10.86 6.14 -9.18
N ALA A 169 11.72 5.83 -8.21
CA ALA A 169 13.13 5.64 -8.52
C ALA A 169 13.32 4.50 -9.49
N LEU A 170 12.60 3.40 -9.27
CA LEU A 170 12.66 2.27 -10.20
C LEU A 170 12.15 2.67 -11.58
N ILE A 171 11.07 3.46 -11.63
CA ILE A 171 10.56 3.91 -12.92
C ILE A 171 11.61 4.74 -13.65
N LEU A 172 12.25 5.67 -12.94
CA LEU A 172 13.27 6.51 -13.55
C LEU A 172 14.44 5.67 -14.05
N ASN A 173 14.89 4.72 -13.24
CA ASN A 173 16.01 3.88 -13.64
C ASN A 173 15.66 3.06 -14.87
N GLN A 174 14.45 2.52 -14.92
CA GLN A 174 14.07 1.66 -16.04
C GLN A 174 13.82 2.46 -17.31
N VAL A 175 13.40 3.71 -17.18
CA VAL A 175 12.98 4.50 -18.34
C VAL A 175 14.12 5.40 -18.82
N THR A 176 14.55 6.34 -17.97
CA THR A 176 15.54 7.33 -18.37
C THR A 176 16.94 6.74 -18.51
N GLY A 177 17.21 5.60 -17.88
CA GLY A 177 18.49 4.94 -17.97
C GLY A 177 19.45 5.26 -16.85
N LEU A 178 19.16 6.29 -16.06
CA LEU A 178 20.01 6.60 -14.91
C LEU A 178 20.11 5.40 -13.98
N ASP A 179 21.32 5.14 -13.50
CA ASP A 179 21.52 4.05 -12.54
C ASP A 179 20.56 4.24 -11.37
N ILE A 180 20.22 3.14 -10.69
CA ILE A 180 19.18 3.21 -9.67
C ILE A 180 19.56 4.18 -8.56
N TRP A 181 20.85 4.37 -8.33
CA TRP A 181 21.28 5.22 -7.21
C TRP A 181 21.11 6.70 -7.52
N ALA A 182 21.40 7.12 -8.74
CA ALA A 182 21.10 8.49 -9.14
C ALA A 182 19.60 8.74 -9.11
N SER A 183 18.82 7.76 -9.55
CA SER A 183 17.36 7.89 -9.50
C SER A 183 16.87 8.02 -8.07
N LEU A 184 17.43 7.24 -7.15
CA LEU A 184 17.05 7.36 -5.74
C LEU A 184 17.45 8.71 -5.18
N LEU A 185 18.64 9.20 -5.55
CA LEU A 185 19.04 10.54 -5.12
C LEU A 185 18.02 11.57 -5.58
N SER A 186 17.63 11.51 -6.86
CA SER A 186 16.70 12.49 -7.40
C SER A 186 15.35 12.39 -6.70
N THR A 187 14.82 11.18 -6.55
CA THR A 187 13.50 11.03 -5.94
C THR A 187 13.53 11.46 -4.48
N GLY A 188 14.59 11.15 -3.75
CA GLY A 188 14.69 11.61 -2.38
C GLY A 188 14.78 13.12 -2.28
N ILE A 189 15.54 13.75 -3.18
CA ILE A 189 15.65 15.19 -3.17
C ILE A 189 14.27 15.82 -3.41
N ILE A 190 13.54 15.30 -4.39
CA ILE A 190 12.24 15.90 -4.72
C ILE A 190 11.24 15.65 -3.60
N CYS A 191 11.27 14.45 -2.99
CA CYS A 191 10.36 14.18 -1.89
C CYS A 191 10.66 15.07 -0.69
N THR A 192 11.93 15.28 -0.38
CA THR A 192 12.29 16.18 0.72
C THR A 192 11.94 17.62 0.41
N LEU A 193 12.03 18.02 -0.87
CA LEU A 193 11.58 19.35 -1.24
C LEU A 193 10.07 19.49 -1.04
N TYR A 194 9.31 18.45 -1.40
CA TYR A 194 7.87 18.48 -1.18
C TYR A 194 7.54 18.54 0.31
N THR A 195 8.29 17.83 1.12
CA THR A 195 7.98 17.73 2.55
C THR A 195 8.43 18.97 3.30
N THR A 196 9.73 19.24 3.31
CA THR A 196 10.26 20.36 4.10
C THR A 196 9.74 21.69 3.58
N VAL A 197 9.83 21.93 2.27
CA VAL A 197 9.43 23.20 1.69
C VAL A 197 7.94 23.22 1.38
N GLY A 198 7.43 22.19 0.73
CA GLY A 198 6.03 22.15 0.36
C GLY A 198 5.08 21.98 1.53
N GLY A 199 5.59 21.62 2.70
CA GLY A 199 4.75 21.47 3.88
C GLY A 199 3.57 20.55 3.67
N TRP A 205 -8.15 18.72 -3.46
CA TRP A 205 -8.45 18.25 -4.80
C TRP A 205 -7.25 17.58 -5.45
N THR A 206 -6.09 17.63 -4.76
CA THR A 206 -4.90 16.97 -5.29
C THR A 206 -5.10 15.46 -5.36
N ASP A 207 -5.71 14.88 -4.34
CA ASP A 207 -5.97 13.43 -4.37
C ASP A 207 -6.93 13.06 -5.49
N VAL A 208 -7.97 13.87 -5.70
CA VAL A 208 -8.89 13.62 -6.81
C VAL A 208 -8.14 13.66 -8.14
N PHE A 209 -7.27 14.66 -8.29
CA PHE A 209 -6.46 14.75 -9.50
C PHE A 209 -5.59 13.50 -9.66
N GLN A 210 -4.99 13.03 -8.58
CA GLN A 210 -4.13 11.85 -8.64
C GLN A 210 -4.93 10.62 -9.08
N VAL A 211 -6.09 10.41 -8.49
CA VAL A 211 -6.89 9.22 -8.81
C VAL A 211 -7.36 9.27 -10.26
N VAL A 212 -7.85 10.43 -10.70
CA VAL A 212 -8.32 10.52 -12.08
C VAL A 212 -7.17 10.34 -13.05
N VAL A 213 -5.99 10.85 -12.69
CA VAL A 213 -4.82 10.66 -13.55
C VAL A 213 -4.45 9.19 -13.64
N MET A 214 -4.47 8.49 -12.51
CA MET A 214 -4.18 7.05 -12.53
C MET A 214 -5.17 6.33 -13.45
N LEU A 215 -6.46 6.61 -13.29
CA LEU A 215 -7.47 5.92 -14.09
C LEU A 215 -7.31 6.21 -15.57
N VAL A 216 -7.11 7.48 -15.92
CA VAL A 216 -6.99 7.84 -17.33
C VAL A 216 -5.72 7.24 -17.92
N GLY A 217 -4.63 7.20 -17.15
CA GLY A 217 -3.43 6.57 -17.65
C GLY A 217 -3.63 5.08 -17.93
N PHE A 218 -4.23 4.38 -16.98
CA PHE A 218 -4.49 2.96 -17.19
C PHE A 218 -5.37 2.75 -18.42
N TRP A 219 -6.44 3.55 -18.55
CA TRP A 219 -7.35 3.39 -19.67
C TRP A 219 -6.65 3.70 -21.00
N VAL A 220 -5.80 4.72 -21.03
CA VAL A 220 -5.08 5.05 -22.25
C VAL A 220 -4.14 3.91 -22.64
N ILE A 221 -3.41 3.37 -21.66
CA ILE A 221 -2.49 2.28 -21.96
C ILE A 221 -3.27 1.09 -22.53
N LEU A 222 -4.33 0.68 -21.85
CA LEU A 222 -5.05 -0.52 -22.25
C LEU A 222 -5.97 -0.30 -23.44
N ALA A 223 -6.16 0.95 -23.87
CA ALA A 223 -6.86 1.24 -25.11
C ALA A 223 -5.90 1.22 -26.29
N ARG A 224 -4.78 1.93 -26.16
CA ARG A 224 -3.77 1.89 -27.21
C ARG A 224 -3.28 0.47 -27.44
N GLY A 225 -3.08 -0.30 -26.37
CA GLY A 225 -2.62 -1.66 -26.52
C GLY A 225 -3.62 -2.53 -27.26
N VAL A 226 -4.90 -2.42 -26.92
CA VAL A 226 -5.89 -3.26 -27.58
C VAL A 226 -6.02 -2.87 -29.05
N ILE A 227 -6.05 -1.57 -29.36
CA ILE A 227 -6.20 -1.17 -30.75
C ILE A 227 -4.97 -1.56 -31.57
N LEU A 228 -3.77 -1.39 -31.00
CA LEU A 228 -2.56 -1.82 -31.70
C LEU A 228 -2.58 -3.33 -31.94
N LEU A 229 -2.91 -4.09 -30.90
CA LEU A 229 -3.03 -5.54 -31.08
C LEU A 229 -4.18 -5.89 -32.01
N GLY A 230 -5.30 -5.18 -31.89
CA GLY A 230 -6.40 -5.33 -32.81
C GLY A 230 -7.56 -6.12 -32.24
N GLY A 231 -8.53 -5.41 -31.67
CA GLY A 231 -9.77 -6.02 -31.23
C GLY A 231 -9.74 -6.47 -29.79
N PRO A 232 -10.59 -5.89 -28.95
CA PRO A 232 -10.74 -6.42 -27.58
C PRO A 232 -11.12 -7.89 -27.55
N ARG A 233 -11.96 -8.32 -28.50
CA ARG A 233 -12.34 -9.73 -28.56
C ARG A 233 -11.12 -10.60 -28.85
N ASN A 234 -10.24 -10.13 -29.75
CA ASN A 234 -9.02 -10.88 -30.03
C ASN A 234 -8.15 -10.97 -28.79
N VAL A 235 -8.03 -9.89 -28.04
CA VAL A 235 -7.23 -9.91 -26.81
C VAL A 235 -7.81 -10.90 -25.82
N LEU A 236 -9.14 -10.88 -25.65
CA LEU A 236 -9.77 -11.81 -24.72
C LEU A 236 -9.55 -13.25 -25.16
N SER A 237 -9.68 -13.53 -26.46
CA SER A 237 -9.47 -14.88 -26.95
C SER A 237 -8.04 -15.33 -26.72
N LEU A 238 -7.07 -14.47 -27.01
CA LEU A 238 -5.67 -14.82 -26.81
C LEU A 238 -5.38 -15.08 -25.33
N ALA A 239 -5.93 -14.24 -24.45
CA ALA A 239 -5.76 -14.47 -23.02
C ALA A 239 -6.38 -15.80 -22.61
N GLN A 240 -7.55 -16.13 -23.14
CA GLN A 240 -8.20 -17.40 -22.83
C GLN A 240 -7.33 -18.57 -23.27
N GLN A 241 -6.72 -18.47 -24.46
CA GLN A 241 -5.90 -19.56 -24.96
C GLN A 241 -4.69 -19.79 -24.05
N HIS A 242 -4.07 -18.71 -23.57
CA HIS A 242 -2.89 -18.80 -22.71
C HIS A 242 -3.26 -18.83 -21.23
N SER A 243 -4.50 -19.19 -20.90
CA SER A 243 -4.92 -19.40 -19.52
C SER A 243 -4.71 -18.15 -18.66
N ARG A 244 -5.03 -16.99 -19.22
CA ARG A 244 -4.98 -15.74 -18.46
C ARG A 244 -6.32 -15.39 -17.82
N ILE A 245 -7.42 -15.95 -18.33
CA ILE A 245 -8.72 -15.80 -17.70
C ILE A 245 -8.87 -16.96 -16.72
N ASN A 246 -8.61 -16.68 -15.44
CA ASN A 246 -8.55 -17.70 -14.40
C ASN A 246 -9.31 -17.24 -13.16
N LEU A 247 -10.45 -16.58 -13.37
CA LEU A 247 -11.19 -16.00 -12.26
C LEU A 247 -11.44 -17.03 -11.16
N MET A 248 -12.15 -18.11 -11.51
CA MET A 248 -12.59 -19.09 -10.51
C MET A 248 -11.41 -19.95 -10.09
N ASP A 249 -10.60 -19.41 -9.19
CA ASP A 249 -9.50 -20.13 -8.58
C ASP A 249 -9.77 -20.23 -7.08
N PHE A 250 -10.00 -21.45 -6.60
CA PHE A 250 -10.28 -21.73 -5.21
C PHE A 250 -9.28 -22.72 -4.62
N ASP A 251 -8.06 -22.74 -5.16
CA ASP A 251 -7.03 -23.64 -4.68
C ASP A 251 -6.81 -23.44 -3.19
N PRO A 252 -7.24 -24.39 -2.34
CA PRO A 252 -7.08 -24.20 -0.89
C PRO A 252 -5.63 -24.19 -0.42
N ASP A 253 -4.67 -24.44 -1.29
CA ASP A 253 -3.27 -24.45 -0.88
C ASP A 253 -2.83 -23.02 -0.57
N PRO A 254 -2.40 -22.72 0.66
CA PRO A 254 -1.96 -21.35 0.96
C PRO A 254 -0.73 -20.93 0.18
N ARG A 255 0.08 -21.87 -0.30
CA ARG A 255 1.30 -21.52 -1.00
C ARG A 255 1.02 -20.87 -2.34
N SER A 256 -0.07 -21.25 -2.99
CA SER A 256 -0.48 -20.57 -4.22
C SER A 256 -0.62 -19.08 -3.95
N ARG A 257 0.23 -18.29 -4.62
CA ARG A 257 0.36 -16.88 -4.26
C ARG A 257 -1.00 -16.18 -4.30
N TYR A 258 -1.71 -16.30 -5.41
CA TYR A 258 -2.97 -15.60 -5.62
C TYR A 258 -4.09 -16.59 -5.86
N THR A 259 -5.19 -16.41 -5.14
CA THR A 259 -6.39 -17.21 -5.33
C THR A 259 -7.48 -16.61 -4.46
N PHE A 260 -8.72 -16.99 -4.74
CA PHE A 260 -9.84 -16.41 -4.01
C PHE A 260 -9.67 -16.59 -2.52
N TRP A 261 -9.32 -17.81 -2.09
CA TRP A 261 -9.14 -18.05 -0.66
C TRP A 261 -8.04 -17.17 -0.10
N THR A 262 -6.94 -17.01 -0.85
CA THR A 262 -5.86 -16.13 -0.41
C THR A 262 -6.27 -14.67 -0.48
N PHE A 263 -6.85 -14.27 -1.61
CA PHE A 263 -7.18 -12.85 -1.78
C PHE A 263 -8.15 -12.38 -0.71
N ILE A 264 -9.27 -13.07 -0.56
CA ILE A 264 -10.29 -12.59 0.37
C ILE A 264 -9.67 -12.31 1.73
N VAL A 265 -9.06 -13.32 2.35
CA VAL A 265 -8.62 -13.16 3.73
C VAL A 265 -7.40 -12.25 3.82
N GLY A 266 -6.37 -12.49 2.99
CA GLY A 266 -5.17 -11.69 3.10
C GLY A 266 -5.41 -10.23 2.78
N GLY A 267 -6.12 -9.96 1.68
CA GLY A 267 -6.44 -8.59 1.35
C GLY A 267 -7.34 -7.94 2.38
N THR A 268 -8.35 -8.67 2.88
CA THR A 268 -9.18 -8.11 3.94
C THR A 268 -8.32 -7.66 5.11
N LEU A 269 -7.43 -8.54 5.58
CA LEU A 269 -6.64 -8.21 6.76
C LEU A 269 -5.68 -7.05 6.49
N VAL A 270 -4.99 -7.08 5.36
CA VAL A 270 -4.00 -6.04 5.09
C VAL A 270 -4.68 -4.69 4.87
N TRP A 271 -5.73 -4.67 4.06
CA TRP A 271 -6.45 -3.43 3.83
C TRP A 271 -7.16 -2.94 5.07
N LEU A 272 -7.52 -3.83 6.00
CA LEU A 272 -8.03 -3.38 7.30
C LEU A 272 -6.93 -2.68 8.09
N SER A 273 -5.75 -3.30 8.17
CA SER A 273 -4.64 -2.66 8.84
C SER A 273 -4.29 -1.32 8.19
N MET A 274 -4.61 -1.15 6.92
CA MET A 274 -4.31 0.09 6.19
C MET A 274 -5.48 1.08 6.13
N TYR A 275 -6.68 0.68 6.54
CA TYR A 275 -7.84 1.56 6.43
C TYR A 275 -8.65 1.62 7.73
N GLY A 276 -8.61 0.55 8.51
CA GLY A 276 -9.43 0.48 9.71
C GLY A 276 -8.74 1.04 10.93
N VAL A 277 -7.43 0.85 11.01
CA VAL A 277 -6.64 1.32 12.13
C VAL A 277 -5.58 2.34 11.73
N ASN A 278 -5.35 2.55 10.45
CA ASN A 278 -4.35 3.53 10.03
C ASN A 278 -4.74 4.91 10.55
N GLN A 279 -3.75 5.62 11.10
CA GLN A 279 -4.03 6.91 11.70
C GLN A 279 -4.56 7.91 10.67
N ALA A 280 -3.96 7.94 9.48
CA ALA A 280 -4.37 8.92 8.47
C ALA A 280 -5.80 8.68 8.03
N GLN A 281 -6.15 7.42 7.73
CA GLN A 281 -7.49 7.13 7.24
C GLN A 281 -8.54 7.47 8.29
N VAL A 282 -8.31 7.04 9.54
CA VAL A 282 -9.28 7.32 10.59
C VAL A 282 -9.37 8.82 10.85
N GLN A 283 -8.25 9.53 10.71
CA GLN A 283 -8.29 10.98 10.79
C GLN A 283 -9.21 11.55 9.73
N ARG A 284 -9.12 11.02 8.51
CA ARG A 284 -10.01 11.49 7.45
C ARG A 284 -11.46 11.10 7.70
N TYR A 285 -11.71 10.03 8.45
CA TYR A 285 -13.08 9.70 8.83
C TYR A 285 -13.64 10.73 9.79
N VAL A 286 -13.01 10.87 10.96
CA VAL A 286 -13.53 11.71 12.03
C VAL A 286 -13.63 13.17 11.61
N ALA A 287 -12.89 13.59 10.59
CA ALA A 287 -12.97 14.94 10.08
C ALA A 287 -14.06 15.12 9.03
N CYS A 288 -14.82 14.06 8.73
CA CYS A 288 -15.89 14.14 7.75
C CYS A 288 -17.18 14.72 8.32
N HIS A 289 -17.25 14.94 9.64
CA HIS A 289 -18.31 15.65 10.33
C HIS A 289 -19.56 14.79 10.56
N THR A 290 -19.60 13.54 10.09
CA THR A 290 -20.75 12.69 10.31
C THR A 290 -20.42 11.23 10.01
N GLU A 291 -20.80 10.33 10.92
CA GLU A 291 -20.56 8.91 10.69
C GLU A 291 -21.28 8.43 9.43
N GLY A 292 -22.54 8.84 9.26
CA GLY A 292 -23.26 8.49 8.05
C GLY A 292 -22.63 9.06 6.80
N LYS A 293 -22.10 10.27 6.88
CA LYS A 293 -21.42 10.89 5.76
C LYS A 293 -19.97 10.46 5.65
N ALA A 294 -19.42 9.83 6.69
CA ALA A 294 -18.13 9.16 6.57
C ALA A 294 -18.24 7.82 5.87
N LYS A 295 -19.35 7.11 6.07
CA LYS A 295 -19.57 5.88 5.31
C LYS A 295 -19.70 6.18 3.82
N LEU A 296 -20.25 7.34 3.47
CA LEU A 296 -20.26 7.76 2.07
C LEU A 296 -18.83 7.95 1.55
N ALA A 297 -17.97 8.54 2.37
CA ALA A 297 -16.57 8.69 1.99
C ALA A 297 -15.92 7.33 1.76
N LEU A 298 -16.22 6.37 2.64
CA LEU A 298 -15.67 5.03 2.48
C LEU A 298 -16.20 4.38 1.20
N LEU A 299 -17.47 4.60 0.88
CA LEU A 299 -18.02 4.06 -0.36
C LEU A 299 -17.31 4.65 -1.58
N VAL A 300 -17.06 5.96 -1.56
CA VAL A 300 -16.35 6.59 -2.67
C VAL A 300 -14.94 6.05 -2.77
N ASN A 301 -14.26 5.89 -1.63
CA ASN A 301 -12.95 5.28 -1.61
C ASN A 301 -12.97 3.90 -2.23
N GLN A 302 -13.96 3.08 -1.87
CA GLN A 302 -14.04 1.72 -2.40
C GLN A 302 -14.28 1.73 -3.90
N LEU A 303 -15.12 2.64 -4.39
CA LEU A 303 -15.33 2.75 -5.83
C LEU A 303 -14.04 3.13 -6.54
N GLY A 304 -13.28 4.07 -5.99
CA GLY A 304 -12.01 4.44 -6.59
C GLY A 304 -11.04 3.27 -6.63
N LEU A 305 -10.95 2.52 -5.53
CA LEU A 305 -10.07 1.36 -5.50
C LEU A 305 -10.50 0.32 -6.53
N PHE A 306 -11.80 0.06 -6.63
CA PHE A 306 -12.30 -0.87 -7.64
C PHE A 306 -11.88 -0.42 -9.04
N LEU A 307 -12.10 0.85 -9.36
CA LEU A 307 -11.75 1.33 -10.69
C LEU A 307 -10.27 1.13 -10.97
N ILE A 308 -9.42 1.55 -10.03
CA ILE A 308 -7.98 1.49 -10.26
C ILE A 308 -7.52 0.05 -10.43
N VAL A 309 -7.96 -0.84 -9.53
CA VAL A 309 -7.49 -2.22 -9.59
C VAL A 309 -7.97 -2.90 -10.87
N ALA A 310 -9.24 -2.69 -11.24
CA ALA A 310 -9.76 -3.32 -12.45
C ALA A 310 -9.02 -2.83 -13.68
N SER A 311 -8.81 -1.51 -13.77
CA SER A 311 -8.09 -0.97 -14.91
C SER A 311 -6.67 -1.52 -14.98
N ALA A 312 -6.00 -1.59 -13.83
CA ALA A 312 -4.62 -2.10 -13.81
C ALA A 312 -4.56 -3.56 -14.22
N ALA A 313 -5.49 -4.38 -13.74
CA ALA A 313 -5.48 -5.80 -14.13
C ALA A 313 -5.75 -5.96 -15.62
N CYS A 314 -6.72 -5.21 -16.15
CA CYS A 314 -6.99 -5.30 -17.59
C CYS A 314 -5.78 -4.85 -18.40
N CYS A 315 -5.10 -3.78 -17.96
CA CYS A 315 -3.90 -3.33 -18.64
C CYS A 315 -2.81 -4.38 -18.56
N GLY A 316 -2.72 -5.10 -17.45
CA GLY A 316 -1.73 -6.16 -17.35
C GLY A 316 -2.02 -7.32 -18.29
N ILE A 317 -3.30 -7.67 -18.45
CA ILE A 317 -3.65 -8.70 -19.42
C ILE A 317 -3.30 -8.25 -20.83
N VAL A 318 -3.60 -6.99 -21.16
CA VAL A 318 -3.23 -6.47 -22.48
C VAL A 318 -1.72 -6.50 -22.64
N MET A 319 -0.98 -6.20 -21.58
CA MET A 319 0.47 -6.24 -21.60
C MET A 319 0.98 -7.64 -21.90
N PHE A 320 0.41 -8.66 -21.25
CA PHE A 320 0.83 -10.02 -21.52
C PHE A 320 0.54 -10.38 -22.97
N VAL A 321 -0.70 -10.19 -23.41
CA VAL A 321 -1.05 -10.56 -24.78
C VAL A 321 -0.18 -9.80 -25.77
N TYR A 322 0.30 -8.61 -25.38
CA TYR A 322 1.28 -7.92 -26.19
C TYR A 322 2.58 -8.72 -26.27
N TYR A 323 3.00 -9.32 -25.16
CA TYR A 323 4.18 -10.16 -25.08
C TYR A 323 3.85 -11.64 -25.12
N LYS A 324 2.83 -12.01 -25.88
CA LYS A 324 2.36 -13.40 -25.88
C LYS A 324 3.47 -14.35 -26.33
N ASP A 325 4.20 -13.98 -27.38
CA ASP A 325 5.16 -14.88 -27.99
C ASP A 325 6.57 -14.75 -27.43
N CYS A 326 6.99 -13.52 -27.10
CA CYS A 326 8.37 -13.26 -26.65
C CYS A 326 8.31 -12.47 -25.35
N ASP A 327 8.24 -13.18 -24.24
CA ASP A 327 8.23 -12.52 -22.94
C ASP A 327 9.58 -11.83 -22.70
N PRO A 328 9.60 -10.56 -22.32
CA PRO A 328 10.88 -9.91 -22.05
C PRO A 328 11.69 -10.59 -20.95
N LEU A 329 11.04 -11.20 -19.97
CA LEU A 329 11.78 -11.88 -18.91
C LEU A 329 12.61 -13.03 -19.46
N LEU A 330 12.01 -13.85 -20.32
CA LEU A 330 12.77 -14.94 -20.94
C LEU A 330 13.86 -14.39 -21.84
N THR A 331 13.55 -13.36 -22.63
CA THR A 331 14.53 -12.77 -23.54
C THR A 331 15.65 -12.06 -22.79
N GLY A 332 15.49 -11.80 -21.51
CA GLY A 332 16.47 -11.01 -20.78
C GLY A 332 16.37 -9.53 -21.03
N ARG A 333 15.37 -9.08 -21.80
CA ARG A 333 15.22 -7.67 -22.10
C ARG A 333 15.05 -6.85 -20.82
N ILE A 334 14.43 -7.44 -19.79
CA ILE A 334 14.31 -6.82 -18.48
C ILE A 334 14.70 -7.85 -17.43
N SER A 335 15.11 -7.35 -16.27
CA SER A 335 15.64 -8.20 -15.21
C SER A 335 14.58 -8.62 -14.20
N ALA A 336 13.60 -7.78 -13.93
CA ALA A 336 12.58 -8.06 -12.92
C ALA A 336 11.19 -7.81 -13.50
N PRO A 337 10.17 -8.50 -12.98
CA PRO A 337 8.81 -8.28 -13.48
C PRO A 337 8.32 -6.86 -13.29
N ASP A 338 8.81 -6.14 -12.27
CA ASP A 338 8.39 -4.77 -12.05
C ASP A 338 8.72 -3.87 -13.22
N GLN A 339 9.65 -4.29 -14.07
CA GLN A 339 10.02 -3.53 -15.26
C GLN A 339 9.05 -3.74 -16.42
N TYR A 340 8.03 -4.57 -16.23
CA TYR A 340 7.07 -4.82 -17.30
C TYR A 340 6.35 -3.55 -17.72
N MET A 341 5.77 -2.82 -16.75
CA MET A 341 4.97 -1.66 -17.10
C MET A 341 5.79 -0.58 -17.79
N PRO A 342 6.94 -0.14 -17.25
CA PRO A 342 7.70 0.91 -17.97
C PRO A 342 8.12 0.48 -19.36
N LEU A 343 8.38 -0.81 -19.57
CA LEU A 343 8.75 -1.28 -20.91
C LEU A 343 7.59 -1.13 -21.87
N LEU A 344 6.42 -1.66 -21.50
CA LEU A 344 5.27 -1.59 -22.39
C LEU A 344 4.94 -0.16 -22.77
N VAL A 345 4.98 0.75 -21.80
CA VAL A 345 4.70 2.15 -22.09
C VAL A 345 5.65 2.66 -23.16
N LEU A 346 6.93 2.29 -23.07
CA LEU A 346 7.86 2.67 -24.13
C LEU A 346 7.51 1.98 -25.44
N ASP A 347 7.13 0.70 -25.38
CA ASP A 347 6.86 -0.05 -26.60
C ASP A 347 5.59 0.46 -27.28
N ILE A 348 4.52 0.66 -26.52
CA ILE A 348 3.23 0.99 -27.12
C ILE A 348 3.31 2.32 -27.86
N PHE A 349 3.92 3.33 -27.24
CA PHE A 349 3.93 4.68 -27.78
C PHE A 349 5.29 5.04 -28.38
N GLU A 350 5.95 4.07 -29.03
CA GLU A 350 7.17 4.39 -29.75
C GLU A 350 6.89 5.31 -30.93
N ASP A 351 5.74 5.14 -31.57
CA ASP A 351 5.32 5.99 -32.69
C ASP A 351 4.57 7.23 -32.22
N LEU A 352 4.34 7.37 -30.92
CA LEU A 352 3.64 8.52 -30.35
C LEU A 352 4.50 9.08 -29.22
N PRO A 353 5.49 9.90 -29.54
CA PRO A 353 6.39 10.42 -28.50
C PRO A 353 5.67 11.34 -27.54
N GLY A 354 6.24 11.50 -26.36
CA GLY A 354 5.71 12.39 -25.35
C GLY A 354 4.81 11.72 -24.34
N VAL A 355 3.82 10.97 -24.81
CA VAL A 355 2.84 10.36 -23.90
C VAL A 355 3.51 9.47 -22.85
N PRO A 356 4.51 8.62 -23.19
CA PRO A 356 5.12 7.84 -22.11
C PRO A 356 5.70 8.72 -21.02
N GLY A 357 6.33 9.83 -21.41
CA GLY A 357 6.84 10.75 -20.42
C GLY A 357 5.73 11.36 -19.57
N LEU A 358 4.61 11.71 -20.20
CA LEU A 358 3.50 12.26 -19.43
C LEU A 358 3.00 11.25 -18.40
N PHE A 359 2.78 10.00 -18.82
CA PHE A 359 2.23 9.02 -17.90
C PHE A 359 3.22 8.72 -16.77
N LEU A 360 4.49 8.52 -17.10
CA LEU A 360 5.47 8.15 -16.10
C LEU A 360 6.04 9.34 -15.34
N ALA A 361 5.62 10.56 -15.68
CA ALA A 361 5.85 11.72 -14.82
C ALA A 361 4.67 11.98 -13.91
N CYS A 362 3.45 11.68 -14.37
CA CYS A 362 2.30 11.67 -13.47
C CYS A 362 2.50 10.66 -12.36
N ALA A 363 2.92 9.44 -12.73
CA ALA A 363 3.17 8.39 -11.76
C ALA A 363 4.35 8.71 -10.85
N TYR A 364 5.16 9.70 -11.21
CA TYR A 364 6.25 10.18 -10.37
C TYR A 364 5.77 11.23 -9.39
N SER A 365 5.12 12.27 -9.90
CA SER A 365 4.67 13.37 -9.04
C SER A 365 3.62 12.91 -8.04
N GLY A 366 2.66 12.08 -8.48
CA GLY A 366 1.66 11.60 -7.54
C GLY A 366 2.26 10.76 -6.43
N THR A 367 3.22 9.90 -6.79
CA THR A 367 3.88 9.08 -5.79
C THR A 367 4.66 9.94 -4.80
N LEU A 368 5.33 10.98 -5.30
CA LEU A 368 6.07 11.85 -4.39
C LEU A 368 5.14 12.65 -3.48
N SER A 369 3.99 13.07 -4.00
CA SER A 369 3.02 13.72 -3.14
C SER A 369 2.54 12.78 -2.04
N THR A 370 2.26 11.53 -2.40
CA THR A 370 1.83 10.55 -1.40
C THR A 370 2.92 10.35 -0.34
N ALA A 371 4.18 10.24 -0.78
CA ALA A 371 5.28 10.05 0.16
C ALA A 371 5.40 11.23 1.11
N SER A 372 5.29 12.46 0.58
CA SER A 372 5.39 13.63 1.43
C SER A 372 4.25 13.71 2.42
N THR A 373 3.03 13.40 2.00
CA THR A 373 1.92 13.38 2.94
C THR A 373 2.15 12.34 4.04
N SER A 374 2.67 11.17 3.67
CA SER A 374 2.95 10.15 4.67
C SER A 374 4.00 10.63 5.67
N ILE A 375 5.05 11.28 5.17
CA ILE A 375 6.13 11.75 6.05
C ILE A 375 5.60 12.81 7.01
N ASN A 376 4.84 13.78 6.49
CA ASN A 376 4.30 14.83 7.35
C ASN A 376 3.31 14.26 8.36
N ALA A 377 2.50 13.27 7.96
CA ALA A 377 1.61 12.63 8.90
C ALA A 377 2.39 11.92 10.00
N MET A 378 3.47 11.25 9.64
CA MET A 378 4.32 10.62 10.66
C MET A 378 4.84 11.65 11.66
N ALA A 379 5.36 12.77 11.15
CA ALA A 379 5.90 13.79 12.04
C ALA A 379 4.82 14.35 12.95
N ALA A 380 3.64 14.65 12.40
CA ALA A 380 2.56 15.21 13.20
C ALA A 380 2.12 14.21 14.27
N VAL A 381 2.00 12.93 13.91
CA VAL A 381 1.58 11.92 14.87
C VAL A 381 2.61 11.80 15.98
N THR A 382 3.90 11.80 15.63
CA THR A 382 4.93 11.70 16.64
C THR A 382 4.85 12.87 17.61
N VAL A 383 4.71 14.08 17.08
CA VAL A 383 4.66 15.27 17.95
C VAL A 383 3.44 15.23 18.85
N GLU A 384 2.27 14.95 18.26
CA GLU A 384 1.02 15.08 19.01
C GLU A 384 0.86 13.96 20.03
N ASP A 385 1.13 12.72 19.63
CA ASP A 385 0.80 11.58 20.46
C ASP A 385 1.91 11.20 21.44
N LEU A 386 3.16 11.55 21.15
CA LEU A 386 4.28 11.14 22.00
C LEU A 386 4.97 12.33 22.66
N ILE A 387 5.46 13.29 21.88
CA ILE A 387 6.28 14.36 22.44
C ILE A 387 5.44 15.30 23.29
N LYS A 388 4.28 15.72 22.79
CA LYS A 388 3.48 16.70 23.52
C LYS A 388 3.09 16.23 24.91
N PRO A 389 2.61 15.01 25.11
CA PRO A 389 2.24 14.59 26.47
C PRO A 389 3.37 14.76 27.48
N ARG A 390 4.62 14.50 27.09
CA ARG A 390 5.74 14.68 27.99
C ARG A 390 6.39 16.06 27.86
N MET A 391 5.95 16.88 26.92
CA MET A 391 6.35 18.28 26.81
C MET A 391 5.10 19.12 26.60
N PRO A 392 4.26 19.23 27.63
CA PRO A 392 2.92 19.79 27.42
C PRO A 392 2.91 21.21 26.87
N GLY A 393 3.52 22.15 27.57
CA GLY A 393 3.43 23.56 27.20
C GLY A 393 4.77 24.23 27.02
N LEU A 394 5.73 23.54 26.40
CA LEU A 394 7.09 24.05 26.24
C LEU A 394 7.25 24.61 24.83
N ALA A 395 7.21 25.94 24.72
CA ALA A 395 7.61 26.65 23.50
C ALA A 395 6.89 26.11 22.26
N PRO A 396 5.61 26.44 22.07
CA PRO A 396 4.93 26.01 20.83
C PRO A 396 5.75 26.26 19.57
N ARG A 397 6.54 27.34 19.54
CA ARG A 397 7.48 27.52 18.44
C ARG A 397 8.48 26.36 18.40
N LYS A 398 8.95 25.93 19.57
CA LYS A 398 9.79 24.73 19.61
C LYS A 398 9.02 23.50 19.14
N LEU A 399 7.71 23.46 19.37
CA LEU A 399 6.93 22.34 18.86
C LEU A 399 6.89 22.33 17.34
N VAL A 400 6.73 23.49 16.72
CA VAL A 400 6.80 23.57 15.26
C VAL A 400 8.17 23.16 14.77
N PHE A 401 9.21 23.61 15.47
CA PHE A 401 10.58 23.22 15.11
C PHE A 401 10.76 21.71 15.19
N ILE A 402 10.21 21.09 16.24
CA ILE A 402 10.33 19.65 16.41
C ILE A 402 9.56 18.91 15.32
N SER A 403 8.39 19.42 14.95
CA SER A 403 7.64 18.81 13.87
C SER A 403 8.42 18.85 12.56
N LYS A 404 9.04 20.00 12.27
CA LYS A 404 9.88 20.09 11.08
C LYS A 404 11.03 19.10 11.14
N GLY A 405 11.67 19.00 12.30
CA GLY A 405 12.79 18.08 12.44
C GLY A 405 12.38 16.63 12.24
N LEU A 406 11.22 16.26 12.79
CA LEU A 406 10.72 14.91 12.61
C LEU A 406 10.36 14.64 11.15
N SER A 407 9.77 15.62 10.47
CA SER A 407 9.50 15.44 9.05
C SER A 407 10.79 15.19 8.28
N PHE A 408 11.84 15.96 8.56
CA PHE A 408 13.11 15.74 7.86
C PHE A 408 13.70 14.36 8.19
N ILE A 409 13.69 13.99 9.46
CA ILE A 409 14.25 12.71 9.88
C ILE A 409 13.51 11.57 9.20
N TYR A 410 12.18 11.65 9.14
CA TYR A 410 11.39 10.59 8.54
C TYR A 410 11.58 10.55 7.03
N GLY A 411 11.72 11.71 6.39
CA GLY A 411 12.04 11.69 4.97
C GLY A 411 13.36 11.00 4.68
N SER A 412 14.37 11.31 5.50
CA SER A 412 15.67 10.66 5.32
C SER A 412 15.58 9.16 5.57
N ALA A 413 14.86 8.76 6.61
CA ALA A 413 14.73 7.33 6.90
C ALA A 413 13.99 6.61 5.79
N CYS A 414 12.95 7.23 5.24
CA CYS A 414 12.22 6.65 4.12
C CYS A 414 13.10 6.53 2.88
N LEU A 415 13.95 7.53 2.63
CA LEU A 415 14.89 7.42 1.52
C LEU A 415 15.87 6.27 1.74
N THR A 416 16.34 6.11 2.98
CA THR A 416 17.25 5.00 3.28
C THR A 416 16.56 3.66 3.08
N VAL A 417 15.28 3.56 3.46
CA VAL A 417 14.54 2.32 3.25
C VAL A 417 14.33 2.06 1.78
N ALA A 418 14.10 3.12 0.99
CA ALA A 418 14.00 2.96 -0.45
C ALA A 418 15.29 2.41 -1.03
N ALA A 419 16.43 2.94 -0.58
CA ALA A 419 17.72 2.43 -1.04
C ALA A 419 17.91 0.97 -0.64
N LEU A 420 17.55 0.63 0.59
CA LEU A 420 17.65 -0.77 1.03
C LEU A 420 16.80 -1.68 0.15
N SER A 421 15.57 -1.27 -0.14
CA SER A 421 14.69 -2.07 -0.98
C SER A 421 15.27 -2.22 -2.38
N SER A 422 15.87 -1.15 -2.90
CA SER A 422 16.56 -1.23 -4.18
C SER A 422 17.65 -2.30 -4.14
N LEU A 423 18.48 -2.27 -3.10
CA LEU A 423 19.56 -3.25 -2.99
C LEU A 423 19.02 -4.62 -2.60
N LEU A 424 18.09 -4.67 -1.64
CA LEU A 424 17.61 -5.93 -1.08
C LEU A 424 16.58 -6.55 -2.04
N GLY A 425 17.09 -7.08 -3.15
CA GLY A 425 16.22 -7.75 -4.08
C GLY A 425 15.21 -6.80 -4.69
N GLY A 426 14.03 -7.32 -4.99
CA GLY A 426 12.98 -6.55 -5.63
C GLY A 426 11.59 -7.03 -5.31
N GLY A 427 10.60 -6.44 -6.00
CA GLY A 427 9.20 -6.74 -5.75
C GLY A 427 8.55 -5.65 -4.93
N VAL A 428 7.85 -4.73 -5.58
CA VAL A 428 7.36 -3.54 -4.92
C VAL A 428 5.94 -3.74 -4.39
N LEU A 429 5.05 -4.33 -5.18
CA LEU A 429 3.71 -4.61 -4.69
C LEU A 429 3.71 -5.63 -3.56
N GLN A 430 4.49 -6.69 -3.69
CA GLN A 430 4.65 -7.64 -2.59
C GLN A 430 5.43 -7.03 -1.43
N GLY A 431 6.42 -6.19 -1.71
CA GLY A 431 7.20 -5.57 -0.67
C GLY A 431 6.36 -4.69 0.22
N SER A 432 5.51 -3.85 -0.39
CA SER A 432 4.63 -2.98 0.37
C SER A 432 3.62 -3.75 1.20
N PHE A 433 3.03 -4.83 0.65
CA PHE A 433 2.06 -5.64 1.38
C PHE A 433 2.69 -6.47 2.48
N THR A 434 3.95 -6.87 2.33
CA THR A 434 4.68 -7.52 3.41
C THR A 434 5.16 -6.54 4.47
N VAL A 435 5.40 -5.29 4.10
CA VAL A 435 5.73 -4.26 5.07
C VAL A 435 4.52 -3.88 5.91
N MET A 436 3.42 -3.50 5.24
CA MET A 436 2.20 -3.15 5.96
C MET A 436 1.51 -4.36 6.57
N GLY A 437 1.94 -5.57 6.24
CA GLY A 437 1.32 -6.76 6.76
C GLY A 437 1.95 -7.25 8.04
N VAL A 438 3.28 -7.44 8.02
CA VAL A 438 3.96 -7.97 9.20
C VAL A 438 3.95 -6.96 10.33
N ILE A 439 4.13 -5.68 10.01
CA ILE A 439 4.23 -4.65 11.04
C ILE A 439 2.85 -4.29 11.58
N SER A 440 1.95 -3.84 10.70
CA SER A 440 0.66 -3.33 11.13
C SER A 440 -0.37 -4.42 11.39
N GLY A 441 -0.13 -5.65 10.96
CA GLY A 441 -1.08 -6.72 11.18
C GLY A 441 -1.33 -6.96 12.64
N PRO A 442 -0.27 -7.09 13.43
CA PRO A 442 -0.45 -7.20 14.89
C PRO A 442 -1.14 -5.99 15.50
N LEU A 443 -0.96 -4.80 14.94
CA LEU A 443 -1.67 -3.63 15.46
C LEU A 443 -3.16 -3.75 15.24
N LEU A 444 -3.57 -4.19 14.04
CA LEU A 444 -4.98 -4.45 13.81
C LEU A 444 -5.48 -5.55 14.72
N GLY A 445 -4.64 -6.55 15.00
CA GLY A 445 -5.02 -7.57 15.96
C GLY A 445 -5.26 -6.99 17.35
N ALA A 446 -4.42 -6.06 17.77
CA ALA A 446 -4.60 -5.42 19.07
C ALA A 446 -5.90 -4.64 19.11
N PHE A 447 -6.18 -3.86 18.06
CA PHE A 447 -7.44 -3.10 18.03
C PHE A 447 -8.64 -4.04 18.05
N THR A 448 -8.60 -5.11 17.26
CA THR A 448 -9.72 -6.03 17.19
C THR A 448 -9.91 -6.77 18.51
N LEU A 449 -8.82 -7.09 19.20
CA LEU A 449 -8.94 -7.73 20.50
C LEU A 449 -9.49 -6.78 21.54
N GLY A 450 -9.09 -5.50 21.46
CA GLY A 450 -9.62 -4.51 22.37
C GLY A 450 -11.10 -4.26 22.17
N MET A 451 -11.58 -4.35 20.93
CA MET A 451 -12.98 -4.08 20.65
C MET A 451 -13.85 -5.31 20.82
N LEU A 452 -13.55 -6.39 20.11
CA LEU A 452 -14.42 -7.56 20.13
C LEU A 452 -14.41 -8.26 21.47
N LEU A 453 -13.23 -8.42 22.08
CA LEU A 453 -13.10 -9.26 23.26
C LEU A 453 -13.19 -8.40 24.52
N PRO A 454 -14.24 -8.54 25.33
CA PRO A 454 -14.26 -7.80 26.61
C PRO A 454 -13.14 -8.21 27.54
N ALA A 455 -12.71 -9.46 27.50
CA ALA A 455 -11.72 -9.98 28.43
C ALA A 455 -10.31 -9.86 27.84
N CYS A 456 -9.93 -8.62 27.55
CA CYS A 456 -8.59 -8.30 27.06
C CYS A 456 -7.96 -7.28 27.98
N ASN A 457 -6.69 -7.49 28.30
CA ASN A 457 -5.97 -6.67 29.27
C ASN A 457 -4.66 -6.20 28.67
N THR A 458 -4.14 -5.11 29.22
CA THR A 458 -2.91 -4.50 28.71
C THR A 458 -1.78 -5.51 28.54
N PRO A 459 -1.43 -6.32 29.54
CA PRO A 459 -0.41 -7.36 29.28
C PRO A 459 -0.84 -8.31 28.17
N GLY A 460 -2.14 -8.62 28.09
CA GLY A 460 -2.59 -9.52 27.04
C GLY A 460 -2.36 -8.95 25.65
N VAL A 461 -2.77 -7.70 25.44
CA VAL A 461 -2.60 -7.10 24.12
C VAL A 461 -1.13 -6.89 23.81
N LEU A 462 -0.33 -6.53 24.81
CA LEU A 462 1.10 -6.34 24.56
C LEU A 462 1.78 -7.66 24.17
N SER A 463 1.46 -8.74 24.89
CA SER A 463 2.03 -10.03 24.54
C SER A 463 1.54 -10.50 23.18
N GLY A 464 0.26 -10.25 22.86
CA GLY A 464 -0.23 -10.58 21.55
C GLY A 464 0.48 -9.82 20.45
N LEU A 465 0.72 -8.53 20.67
CA LEU A 465 1.47 -7.74 19.70
C LEU A 465 2.86 -8.31 19.50
N ALA A 466 3.54 -8.65 20.60
CA ALA A 466 4.89 -9.19 20.50
C ALA A 466 4.90 -10.51 19.74
N ALA A 467 3.99 -11.42 20.08
CA ALA A 467 3.95 -12.71 19.42
C ALA A 467 3.60 -12.57 17.94
N GLY A 468 2.63 -11.71 17.62
CA GLY A 468 2.27 -11.51 16.22
C GLY A 468 3.41 -10.94 15.41
N LEU A 469 4.09 -9.93 15.95
CA LEU A 469 5.24 -9.38 15.25
C LEU A 469 6.31 -10.44 15.06
N ALA A 470 6.57 -11.25 16.09
CA ALA A 470 7.59 -12.28 15.99
C ALA A 470 7.24 -13.28 14.88
N VAL A 471 6.01 -13.77 14.88
CA VAL A 471 5.62 -14.78 13.89
C VAL A 471 5.65 -14.19 12.48
N SER A 472 5.10 -12.99 12.31
CA SER A 472 5.06 -12.39 10.98
C SER A 472 6.47 -12.13 10.45
N LEU A 473 7.35 -11.59 11.29
CA LEU A 473 8.73 -11.37 10.84
C LEU A 473 9.43 -12.69 10.57
N TRP A 474 9.15 -13.72 11.36
CA TRP A 474 9.74 -15.04 11.12
C TRP A 474 9.35 -15.55 9.74
N VAL A 475 8.07 -15.49 9.40
CA VAL A 475 7.65 -15.99 8.09
C VAL A 475 8.19 -15.11 6.98
N ALA A 476 8.24 -13.79 7.21
CA ALA A 476 8.76 -12.89 6.18
C ALA A 476 10.24 -13.18 5.89
N VAL A 477 11.05 -13.35 6.93
CA VAL A 477 12.47 -13.61 6.72
C VAL A 477 12.66 -15.01 6.13
N GLY A 478 11.85 -15.97 6.56
CA GLY A 478 11.94 -17.30 5.97
C GLY A 478 11.64 -17.29 4.49
N ALA A 479 10.64 -16.52 4.07
CA ALA A 479 10.32 -16.42 2.66
C ALA A 479 11.40 -15.65 1.91
N THR A 480 11.95 -14.61 2.52
CA THR A 480 13.00 -13.84 1.86
C THR A 480 14.25 -14.69 1.63
N LEU A 481 14.65 -15.47 2.64
CA LEU A 481 15.81 -16.33 2.49
C LEU A 481 15.50 -17.55 1.63
N TYR A 482 14.32 -18.15 1.81
CA TYR A 482 13.93 -19.38 1.12
C TYR A 482 12.60 -19.14 0.41
N PRO A 483 12.60 -18.32 -0.64
CA PRO A 483 11.36 -18.02 -1.34
C PRO A 483 10.84 -19.22 -2.09
N PRO A 484 9.54 -19.30 -2.33
CA PRO A 484 8.99 -20.40 -3.14
C PRO A 484 9.30 -20.21 -4.61
N GLY A 485 9.17 -21.31 -5.36
CA GLY A 485 9.41 -21.27 -6.77
C GLY A 485 8.22 -20.76 -7.56
N GLU A 486 8.46 -20.51 -8.85
CA GLU A 486 7.39 -20.04 -9.71
C GLU A 486 6.26 -21.05 -9.81
N GLN A 487 6.61 -22.33 -9.91
CA GLN A 487 5.58 -23.37 -10.02
C GLN A 487 4.70 -23.40 -8.78
N THR A 488 5.31 -23.34 -7.60
CA THR A 488 4.53 -23.37 -6.36
C THR A 488 3.61 -22.17 -6.27
N MET A 489 4.14 -20.98 -6.56
CA MET A 489 3.33 -19.76 -6.45
C MET A 489 2.20 -19.76 -7.46
N GLY A 490 2.45 -20.25 -8.67
CA GLY A 490 1.41 -20.34 -9.68
C GLY A 490 1.60 -19.39 -10.84
N VAL A 491 2.85 -19.11 -11.18
CA VAL A 491 3.14 -18.21 -12.30
C VAL A 491 2.73 -18.87 -13.60
N LEU A 492 1.96 -18.14 -14.41
CA LEU A 492 1.50 -18.69 -15.68
C LEU A 492 2.66 -18.83 -16.66
N PRO A 493 2.55 -19.72 -17.63
CA PRO A 493 3.66 -19.98 -18.54
C PRO A 493 4.00 -18.75 -19.38
N THR A 494 5.29 -18.61 -19.68
CA THR A 494 5.79 -17.59 -20.59
C THR A 494 6.15 -18.23 -21.92
N SER A 495 6.69 -17.43 -22.83
CA SER A 495 7.07 -17.94 -24.14
C SER A 495 8.12 -17.02 -24.75
N ALA A 496 9.14 -17.63 -25.36
CA ALA A 496 10.20 -16.90 -26.07
C ALA A 496 10.30 -17.54 -27.46
N ALA A 497 9.49 -17.04 -28.39
CA ALA A 497 9.47 -17.55 -29.76
C ALA A 497 9.38 -16.39 -30.75
N GLY A 498 10.19 -15.35 -30.52
CA GLY A 498 10.19 -14.19 -31.39
C GLY A 498 11.42 -13.32 -31.19
N PRO A 528 14.73 -26.76 3.79
CA PRO A 528 14.06 -27.50 4.86
C PRO A 528 12.58 -27.72 4.58
N ALA A 529 12.00 -28.74 5.22
CA ALA A 529 10.57 -29.00 5.04
C ALA A 529 9.75 -27.79 5.47
N LEU A 530 10.20 -27.08 6.50
CA LEU A 530 9.54 -25.84 6.90
C LEU A 530 9.59 -24.80 5.80
N ALA A 531 10.75 -24.66 5.15
CA ALA A 531 10.91 -23.68 4.09
C ALA A 531 10.08 -24.01 2.85
N ASP A 532 9.68 -25.28 2.70
CA ASP A 532 8.86 -25.68 1.57
C ASP A 532 7.37 -25.72 1.89
N THR A 533 7.01 -25.84 3.17
CA THR A 533 5.61 -25.91 3.56
C THR A 533 5.09 -24.61 4.18
N PHE A 534 5.97 -23.80 4.77
CA PHE A 534 5.55 -22.58 5.43
C PHE A 534 6.07 -21.32 4.75
N TYR A 535 7.38 -21.20 4.52
CA TYR A 535 7.90 -19.98 3.93
C TYR A 535 7.34 -19.73 2.55
N ALA A 536 6.77 -20.76 1.92
CA ALA A 536 6.09 -20.60 0.63
C ALA A 536 4.71 -19.99 0.77
N ILE A 537 4.25 -19.74 2.00
CA ILE A 537 2.94 -19.14 2.21
C ILE A 537 2.84 -17.84 1.42
N SER A 538 1.68 -17.62 0.82
CA SER A 538 1.47 -16.41 0.03
C SER A 538 1.70 -15.18 0.88
N TYR A 539 2.36 -14.17 0.30
CA TYR A 539 2.69 -12.98 1.07
C TYR A 539 1.44 -12.32 1.64
N LEU A 540 0.31 -12.47 0.95
CA LEU A 540 -0.94 -11.91 1.48
C LEU A 540 -1.31 -12.53 2.82
N TYR A 541 -0.72 -13.68 3.15
CA TYR A 541 -0.98 -14.33 4.42
C TYR A 541 -0.05 -13.89 5.53
N TYR A 542 0.94 -13.03 5.24
CA TYR A 542 1.79 -12.54 6.31
C TYR A 542 0.98 -11.71 7.30
N GLY A 543 0.32 -10.67 6.82
CA GLY A 543 -0.48 -9.83 7.72
C GLY A 543 -1.55 -10.63 8.42
N ALA A 544 -2.31 -11.42 7.66
CA ALA A 544 -3.32 -12.28 8.27
C ALA A 544 -2.71 -13.23 9.28
N LEU A 545 -1.45 -13.62 9.08
CA LEU A 545 -0.79 -14.48 10.05
C LEU A 545 -0.49 -13.72 11.33
N GLY A 546 -0.10 -12.45 11.21
CA GLY A 546 0.21 -11.64 12.37
C GLY A 546 -1.03 -11.28 13.16
N THR A 547 -1.96 -10.59 12.51
CA THR A 547 -3.20 -10.20 13.17
C THR A 547 -3.79 -11.38 13.95
N LEU A 548 -4.05 -12.49 13.27
CA LEU A 548 -4.63 -13.66 13.92
C LEU A 548 -3.84 -14.04 15.15
N THR A 549 -2.52 -14.12 15.02
CA THR A 549 -1.68 -14.45 16.17
C THR A 549 -1.94 -13.49 17.33
N THR A 550 -1.92 -12.18 17.04
CA THR A 550 -2.18 -11.20 18.09
C THR A 550 -3.54 -11.44 18.72
N MET A 551 -4.52 -11.85 17.91
CA MET A 551 -5.85 -12.11 18.45
C MET A 551 -5.88 -13.39 19.26
N LEU A 552 -5.05 -14.37 18.91
CA LEU A 552 -5.05 -15.63 19.65
C LEU A 552 -4.22 -15.51 20.92
N CYS A 553 -2.91 -15.30 20.77
CA CYS A 553 -2.03 -15.22 21.92
C CYS A 553 -2.52 -14.15 22.90
N GLY A 554 -2.78 -12.94 22.39
CA GLY A 554 -3.27 -11.89 23.25
C GLY A 554 -4.48 -12.29 24.04
N ALA A 555 -5.38 -13.06 23.41
CA ALA A 555 -6.53 -13.56 24.14
C ALA A 555 -6.10 -14.56 25.22
N LEU A 556 -5.30 -15.55 24.83
CA LEU A 556 -4.94 -16.61 25.78
C LEU A 556 -4.30 -16.02 27.03
N ILE A 557 -3.26 -15.20 26.85
CA ILE A 557 -2.58 -14.61 28.00
C ILE A 557 -3.56 -13.79 28.82
N SER A 558 -4.50 -13.12 28.16
CA SER A 558 -5.51 -12.35 28.89
C SER A 558 -6.25 -13.24 29.88
N TYR A 559 -6.64 -14.43 29.45
CA TYR A 559 -7.34 -15.36 30.33
C TYR A 559 -6.39 -16.09 31.28
N LEU A 560 -5.08 -15.99 31.07
CA LEU A 560 -4.13 -16.60 31.99
C LEU A 560 -3.81 -15.64 33.15
N THR A 561 -3.31 -14.44 32.81
CA THR A 561 -3.02 -13.46 33.85
C THR A 561 -4.29 -13.06 34.59
N GLY A 562 -5.23 -12.45 33.89
CA GLY A 562 -6.51 -12.11 34.47
C GLY A 562 -7.50 -11.65 33.42
N PRO A 563 -8.70 -12.24 33.39
CA PRO A 563 -9.72 -11.77 32.44
C PRO A 563 -10.25 -10.41 32.85
N THR A 564 -10.23 -9.47 31.90
CA THR A 564 -10.83 -8.16 32.14
C THR A 564 -12.34 -8.28 32.24
N LYS A 565 -12.94 -7.40 33.04
CA LYS A 565 -14.36 -7.43 33.30
C LYS A 565 -15.08 -6.44 32.40
N ARG A 566 -16.18 -6.88 31.79
CA ARG A 566 -16.96 -6.02 30.91
C ARG A 566 -17.37 -4.73 31.62
N SER A 567 -17.67 -4.81 32.92
CA SER A 567 -18.08 -3.62 33.65
C SER A 567 -16.96 -2.58 33.72
N SER A 568 -15.71 -3.03 33.78
CA SER A 568 -14.58 -2.12 33.92
C SER A 568 -14.34 -1.27 32.67
N LEU A 569 -14.99 -1.60 31.55
CA LEU A 569 -14.82 -0.85 30.32
C LEU A 569 -15.99 0.09 30.09
N GLY A 570 -15.70 1.25 29.51
CA GLY A 570 -16.72 2.18 29.11
C GLY A 570 -17.48 1.65 27.91
N PRO A 571 -18.03 2.54 27.08
CA PRO A 571 -18.69 2.05 25.85
C PRO A 571 -17.78 1.16 25.04
N GLY A 572 -16.62 1.66 24.62
CA GLY A 572 -15.54 0.81 24.17
C GLY A 572 -15.94 -0.27 23.18
N LEU A 573 -15.96 -1.51 23.67
CA LEU A 573 -16.24 -2.69 22.85
C LEU A 573 -17.38 -2.43 21.88
N LEU A 574 -17.24 -2.99 20.68
CA LEU A 574 -18.31 -2.87 19.69
C LEU A 574 -19.63 -3.41 20.23
N TRP A 575 -19.58 -4.43 21.09
CA TRP A 575 -20.81 -5.05 21.57
C TRP A 575 -21.75 -4.02 22.17
N TRP A 576 -21.21 -3.05 22.90
CA TRP A 576 -22.02 -1.99 23.51
C TRP A 576 -23.16 -2.58 24.33
NA NA B . 0.15 -1.73 -1.68
RE REO C . -3.98 -3.18 -4.81
O12 REO C . -3.03 -4.61 -4.58
O13 REO C . -3.93 -2.69 -6.48
O14 REO C . -5.62 -3.50 -4.36
O15 REO C . -3.34 -1.90 -3.82
O13 3PH D . 11.17 -10.38 -0.75
P 3PH D . 10.31 -9.17 -0.78
O14 3PH D . 9.21 -9.23 0.47
O12 3PH D . 9.50 -8.76 -1.97
O11 3PH D . 11.28 -7.93 -0.30
C1 3PH D . 11.60 -7.79 1.05
C2 3PH D . 10.50 -6.98 1.74
O21 3PH D . 10.95 -5.67 2.15
C21 3PH D . 11.55 -4.85 1.32
O22 3PH D . 11.52 -4.99 0.11
C22 3PH D . 12.26 -3.75 2.06
C23 3PH D . 12.92 -4.20 3.34
C24 3PH D . 13.58 -3.04 4.09
C25 3PH D . 13.51 -3.24 5.60
C26 3PH D . 14.39 -2.27 6.38
C27 3PH D . 14.37 -2.55 7.88
C28 3PH D . 15.52 -1.89 8.64
C29 3PH D . 15.23 -0.48 9.14
C2A 3PH D . 15.85 0.61 8.29
C2B 3PH D . 15.81 1.99 8.93
C2C 3PH D . 16.36 3.09 8.03
C2D 3PH D . 16.61 4.40 8.76
C3 3PH D . 10.06 -7.65 3.02
O31 3PH D . 11.18 -7.63 3.90
C31 3PH D . 11.12 -8.34 5.04
O32 3PH D . 11.85 -9.27 5.27
C32 3PH D . 10.05 -7.82 5.96
C33 3PH D . 9.89 -6.31 5.94
C34 3PH D . 9.74 -5.75 7.35
C35 3PH D . 11.08 -5.53 8.06
C36 3PH D . 10.89 -5.02 9.48
C37 3PH D . 12.18 -4.58 10.16
C38 3PH D . 11.92 -3.82 11.46
C39 3PH D . 11.18 -4.63 12.52
C3A 3PH D . 10.72 -3.78 13.70
C3B 3PH D . 9.61 -4.43 14.51
C3C 3PH D . 9.18 -3.61 15.71
C3D 3PH D . 8.41 -2.35 15.36
C3E 3PH D . 8.01 -1.52 16.58
C3F 3PH D . 7.25 -2.31 17.63
C3G 3PH D . 6.57 -1.44 18.67
C3H 3PH D . 5.80 -2.25 19.71
#